data_4XT1
#
_entry.id   4XT1
#
_cell.length_a   81.024
_cell.length_b   81.024
_cell.length_c   231.303
_cell.angle_alpha   90.000
_cell.angle_beta   90.000
_cell.angle_gamma   90.000
#
_symmetry.space_group_name_H-M   'I 4'
#
loop_
_entity.id
_entity.type
_entity.pdbx_description
1 polymer 'G-protein coupled receptor homolog US28'
2 polymer Fractalkine
3 polymer 'nanobody 7'
4 non-polymer CHOLESTEROL
5 non-polymer '(2R)-2,3-dihydroxypropyl (9Z)-octadec-9-enoate'
6 non-polymer 'UNKNOWN LIGAND'
7 non-polymer 'SUCCINIC ACID'
8 water water
#
loop_
_entity_poly.entity_id
_entity_poly.type
_entity_poly.pdbx_seq_one_letter_code
_entity_poly.pdbx_strand_id
1 'polypeptide(L)'
;DYKDDDDAMTPTTTTAELTTEFDYDEDATPCVFTDVLNQSKPVTLFLYGVVFLFGSIGNFLVIFTITWRRRIQCSGDVYF
INLAAADLLFVCTLPLWMQYLLDHNSLASVPCTLLTACFYVAMFASLCFITEIALDRYYAIVYMRYRPVKQACLFSIFWW
IFAVIIAIPHFMVVTKKDNQCMTDYDYLEVSYPIILNVELMLGAFVIPLSVISYCYYRISRIVAVSQSRHKGRIVRVLIA
VVLVFIIFWLPYHLTLFVDTLKLLKWISSSCEFERSLKRALILTESLAFCHCCLNPLLYVFVGTKFRQELHCLLAEFRQR
LFSRDVSWYHSMSFSRRSSPSRRETSSDTLSDEVCRVSQIIP
;
A
2 'polypeptide(L)'
;(PCA)HHGVTKCAITCSKMTSKIPVALLIHYQQNQASCGKRAIILETRQHRLFCADPKEQWVKDAMQHLDRQAAALTRNG
GSGSGSAAALEVLFQ
;
B
3 'polypeptide(L)'
;GPGSQVQLVESGGGLVRPGGSLRLSCAASGSIFTIYAMGWYRQAPGKQRELVARITFGGDTNYADSVKGRFTISRDNAKN
AVYLQMNSLKPEDTAVYYCNAEETIVEEADYWGQGTQVTVSSRAAAHHHHHHHH
;
C
#
# COMPACT_ATOMS: atom_id res chain seq x y z
N ASP A 23 -39.96 -12.24 31.73
CA ASP A 23 -38.92 -12.70 32.65
C ASP A 23 -38.91 -14.23 32.73
N TYR A 24 -39.13 -14.86 31.59
CA TYR A 24 -38.96 -16.31 31.45
C TYR A 24 -37.51 -16.70 31.76
N ASP A 25 -37.23 -17.99 31.92
CA ASP A 25 -35.85 -18.43 32.16
C ASP A 25 -34.95 -17.89 31.06
N GLU A 26 -34.31 -16.76 31.35
CA GLU A 26 -33.73 -15.88 30.33
C GLU A 26 -32.72 -16.54 29.41
N ASP A 27 -32.77 -16.13 28.14
CA ASP A 27 -31.81 -16.53 27.14
C ASP A 27 -30.63 -15.55 27.15
N ALA A 28 -30.61 -14.67 28.14
CA ALA A 28 -29.53 -13.70 28.30
C ALA A 28 -28.24 -14.38 28.75
N THR A 29 -27.84 -15.41 28.01
CA THR A 29 -26.63 -16.16 28.33
C THR A 29 -25.48 -15.64 27.47
N PRO A 30 -24.35 -15.32 28.09
CA PRO A 30 -23.20 -14.77 27.36
C PRO A 30 -22.65 -15.73 26.30
N CYS A 31 -22.33 -15.20 25.13
CA CYS A 31 -21.70 -15.98 24.07
C CYS A 31 -20.19 -15.86 24.20
N VAL A 32 -19.54 -16.98 24.51
CA VAL A 32 -18.10 -16.97 24.80
C VAL A 32 -17.24 -17.17 23.56
N PHE A 33 -16.10 -16.49 23.53
CA PHE A 33 -15.16 -16.57 22.41
C PHE A 33 -13.77 -16.95 22.90
N THR A 34 -13.70 -17.49 24.12
CA THR A 34 -12.42 -17.74 24.78
C THR A 34 -11.53 -18.73 24.03
N ASP A 35 -12.13 -19.75 23.42
CA ASP A 35 -11.37 -20.75 22.70
C ASP A 35 -10.96 -20.26 21.31
N VAL A 36 -11.84 -19.47 20.69
CA VAL A 36 -11.55 -18.91 19.37
C VAL A 36 -10.32 -18.02 19.41
N LEU A 37 -10.25 -17.17 20.43
CA LEU A 37 -9.12 -16.28 20.61
C LEU A 37 -7.84 -17.04 20.91
N ASN A 38 -7.95 -18.10 21.71
CA ASN A 38 -6.79 -18.91 22.07
C ASN A 38 -6.25 -19.71 20.89
N GLN A 39 -7.14 -20.04 19.95
CA GLN A 39 -6.77 -20.81 18.77
C GLN A 39 -6.25 -19.90 17.65
N SER A 40 -6.73 -18.66 17.65
CA SER A 40 -6.37 -17.70 16.60
C SER A 40 -5.06 -16.99 16.91
N LYS A 41 -4.73 -16.87 18.20
CA LYS A 41 -3.54 -16.15 18.63
C LYS A 41 -2.23 -16.71 18.05
N PRO A 42 -2.02 -18.05 18.09
CA PRO A 42 -0.77 -18.54 17.52
C PRO A 42 -0.66 -18.30 16.01
N VAL A 43 -1.77 -18.37 15.31
CA VAL A 43 -1.79 -18.14 13.88
C VAL A 43 -1.50 -16.67 13.57
N THR A 44 -2.14 -15.78 14.32
CA THR A 44 -1.95 -14.35 14.13
C THR A 44 -0.51 -13.93 14.43
N LEU A 45 0.05 -14.43 15.53
CA LEU A 45 1.42 -14.12 15.92
C LEU A 45 2.42 -14.59 14.88
N PHE A 46 2.16 -15.76 14.30
CA PHE A 46 3.04 -16.32 13.27
C PHE A 46 3.09 -15.45 12.04
N LEU A 47 1.91 -15.12 11.50
CA LEU A 47 1.81 -14.32 10.29
C LEU A 47 2.38 -12.92 10.49
N TYR A 48 2.20 -12.37 11.68
CA TYR A 48 2.76 -11.05 12.00
C TYR A 48 4.28 -11.06 11.87
N GLY A 49 4.91 -12.11 12.38
CA GLY A 49 6.35 -12.25 12.30
C GLY A 49 6.82 -12.45 10.87
N VAL A 50 6.02 -13.16 10.08
CA VAL A 50 6.33 -13.41 8.67
C VAL A 50 6.22 -12.12 7.86
N VAL A 51 5.13 -11.38 8.06
CA VAL A 51 4.92 -10.13 7.33
C VAL A 51 5.99 -9.09 7.69
N PHE A 52 6.36 -9.03 8.97
CA PHE A 52 7.39 -8.09 9.39
C PHE A 52 8.76 -8.45 8.84
N LEU A 53 9.02 -9.75 8.70
CA LEU A 53 10.31 -10.21 8.22
C LEU A 53 10.52 -9.88 6.75
N PHE A 54 9.64 -10.38 5.90
CA PHE A 54 9.75 -10.18 4.46
C PHE A 54 9.34 -8.77 4.04
N GLY A 55 8.38 -8.20 4.77
CA GLY A 55 7.87 -6.88 4.46
C GLY A 55 8.88 -5.77 4.69
N SER A 56 9.65 -5.89 5.76
CA SER A 56 10.67 -4.89 6.08
C SER A 56 11.87 -5.02 5.15
N ILE A 57 12.25 -6.25 4.83
CA ILE A 57 13.37 -6.50 3.92
C ILE A 57 13.03 -6.06 2.50
N GLY A 58 11.88 -6.52 2.02
CA GLY A 58 11.45 -6.22 0.66
C GLY A 58 11.24 -4.75 0.39
N ASN A 59 10.69 -4.03 1.37
CA ASN A 59 10.44 -2.60 1.21
C ASN A 59 11.68 -1.76 1.45
N PHE A 60 12.65 -2.33 2.16
CA PHE A 60 13.94 -1.66 2.30
C PHE A 60 14.70 -1.74 1.00
N LEU A 61 14.68 -2.90 0.38
CA LEU A 61 15.37 -3.12 -0.90
C LEU A 61 14.80 -2.23 -1.99
N VAL A 62 13.51 -1.94 -1.90
CA VAL A 62 12.86 -1.02 -2.84
C VAL A 62 13.46 0.38 -2.72
N ILE A 63 13.43 0.91 -1.50
CA ILE A 63 13.97 2.24 -1.23
C ILE A 63 15.47 2.29 -1.50
N PHE A 64 16.16 1.22 -1.14
CA PHE A 64 17.60 1.13 -1.32
C PHE A 64 18.00 1.16 -2.80
N THR A 65 17.17 0.56 -3.65
CA THR A 65 17.48 0.46 -5.07
C THR A 65 17.32 1.80 -5.79
N ILE A 66 16.32 2.58 -5.40
CA ILE A 66 16.00 3.82 -6.09
C ILE A 66 16.71 5.04 -5.49
N THR A 67 17.46 4.83 -4.41
CA THR A 67 18.07 5.94 -3.71
C THR A 67 19.60 5.86 -3.64
N TRP A 68 20.13 4.66 -3.46
CA TRP A 68 21.56 4.48 -3.20
C TRP A 68 22.44 5.00 -4.33
N ARG A 69 22.47 4.26 -5.43
CA ARG A 69 23.33 4.60 -6.57
C ARG A 69 22.67 5.62 -7.50
N ARG A 70 21.51 5.25 -8.04
CA ARG A 70 20.75 6.15 -8.91
C ARG A 70 19.71 6.91 -8.10
N ARG A 71 19.52 8.19 -8.43
CA ARG A 71 18.54 9.01 -7.74
C ARG A 71 17.13 8.77 -8.27
N ILE A 72 16.18 9.60 -7.84
CA ILE A 72 14.80 9.51 -8.32
C ILE A 72 14.70 10.11 -9.72
N GLN A 73 14.23 9.29 -10.67
CA GLN A 73 14.17 9.70 -12.06
C GLN A 73 12.81 10.25 -12.46
N CYS A 74 11.79 9.41 -12.36
CA CYS A 74 10.44 9.78 -12.78
C CYS A 74 9.47 9.91 -11.61
N SER A 75 8.22 10.21 -11.93
CA SER A 75 7.18 10.35 -10.91
C SER A 75 6.83 9.01 -10.27
N GLY A 76 7.05 7.94 -11.03
CA GLY A 76 6.79 6.60 -10.54
C GLY A 76 7.69 6.24 -9.37
N ASP A 77 8.94 6.68 -9.44
CA ASP A 77 9.91 6.41 -8.39
C ASP A 77 9.48 7.06 -7.08
N VAL A 78 8.89 8.25 -7.18
CA VAL A 78 8.39 8.96 -6.00
C VAL A 78 7.30 8.16 -5.30
N TYR A 79 6.36 7.64 -6.09
CA TYR A 79 5.24 6.88 -5.56
C TYR A 79 5.67 5.51 -5.04
N PHE A 80 6.69 4.94 -5.67
CA PHE A 80 7.20 3.63 -5.24
C PHE A 80 7.82 3.72 -3.84
N ILE A 81 8.60 4.77 -3.62
CA ILE A 81 9.22 4.99 -2.32
C ILE A 81 8.18 5.24 -1.24
N ASN A 82 7.21 6.09 -1.56
CA ASN A 82 6.12 6.39 -0.63
C ASN A 82 5.28 5.16 -0.32
N LEU A 83 5.15 4.26 -1.31
CA LEU A 83 4.43 3.01 -1.11
C LEU A 83 5.24 2.07 -0.21
N ALA A 84 6.55 2.04 -0.43
CA ALA A 84 7.44 1.21 0.37
C ALA A 84 7.56 1.78 1.79
N ALA A 85 7.47 3.09 1.91
CA ALA A 85 7.55 3.76 3.20
C ALA A 85 6.28 3.49 4.02
N ALA A 86 5.14 3.47 3.34
CA ALA A 86 3.87 3.20 3.99
C ALA A 86 3.80 1.75 4.45
N ASP A 87 4.35 0.85 3.64
CA ASP A 87 4.39 -0.56 3.99
C ASP A 87 5.34 -0.81 5.17
N LEU A 88 6.44 -0.07 5.19
CA LEU A 88 7.40 -0.17 6.29
C LEU A 88 6.78 0.27 7.61
N LEU A 89 6.11 1.43 7.58
CA LEU A 89 5.45 1.97 8.76
C LEU A 89 4.37 1.02 9.27
N PHE A 90 3.74 0.29 8.35
CA PHE A 90 2.68 -0.64 8.71
C PHE A 90 3.23 -1.89 9.39
N VAL A 91 4.21 -2.53 8.77
CA VAL A 91 4.76 -3.79 9.29
C VAL A 91 5.56 -3.59 10.57
N CYS A 92 6.04 -2.37 10.81
CA CYS A 92 6.84 -2.08 11.99
C CYS A 92 5.97 -1.97 13.23
N THR A 93 4.66 -1.89 13.05
CA THR A 93 3.72 -1.85 14.16
C THR A 93 3.40 -3.25 14.64
N LEU A 94 3.61 -4.23 13.77
CA LEU A 94 3.32 -5.63 14.07
C LEU A 94 4.12 -6.22 15.25
N PRO A 95 5.44 -5.93 15.33
CA PRO A 95 6.12 -6.46 16.53
C PRO A 95 5.62 -5.82 17.82
N LEU A 96 5.06 -4.62 17.72
CA LEU A 96 4.46 -3.97 18.88
C LEU A 96 3.15 -4.66 19.26
N TRP A 97 2.37 -5.03 18.26
CA TRP A 97 1.13 -5.76 18.50
C TRP A 97 1.39 -7.18 18.98
N MET A 98 2.51 -7.75 18.54
CA MET A 98 2.89 -9.08 18.99
C MET A 98 3.26 -9.08 20.46
N GLN A 99 3.95 -8.03 20.89
CA GLN A 99 4.30 -7.86 22.29
C GLN A 99 3.04 -7.62 23.13
N TYR A 100 2.02 -7.06 22.48
CA TYR A 100 0.75 -6.78 23.14
C TYR A 100 -0.06 -8.06 23.35
N LEU A 101 -0.01 -8.95 22.36
CA LEU A 101 -0.76 -10.22 22.43
C LEU A 101 -0.15 -11.20 23.42
N LEU A 102 1.18 -11.20 23.52
CA LEU A 102 1.88 -12.16 24.35
C LEU A 102 1.67 -11.90 25.85
N ASP A 103 1.30 -10.67 26.20
CA ASP A 103 1.01 -10.34 27.59
C ASP A 103 0.19 -9.05 27.68
N SER A 109 5.88 0.87 26.31
CA SER A 109 4.82 1.74 26.80
C SER A 109 3.47 1.39 26.17
N VAL A 110 3.54 0.70 25.03
CA VAL A 110 2.40 0.33 24.19
C VAL A 110 1.26 1.38 24.22
N PRO A 111 1.41 2.46 23.44
CA PRO A 111 0.39 3.50 23.34
C PRO A 111 -0.74 3.10 22.38
N CYS A 112 -1.92 2.83 22.93
CA CYS A 112 -3.05 2.33 22.15
C CYS A 112 -3.44 3.27 21.01
N THR A 113 -3.69 4.53 21.33
CA THR A 113 -4.15 5.50 20.34
C THR A 113 -3.10 5.75 19.26
N LEU A 114 -1.84 5.90 19.67
CA LEU A 114 -0.76 6.19 18.74
C LEU A 114 -0.44 5.02 17.84
N LEU A 115 -0.40 3.81 18.42
CA LEU A 115 -0.07 2.62 17.66
C LEU A 115 -1.19 2.27 16.68
N THR A 116 -2.43 2.52 17.09
CA THR A 116 -3.57 2.30 16.22
C THR A 116 -3.56 3.30 15.07
N ALA A 117 -3.10 4.51 15.37
CA ALA A 117 -3.00 5.57 14.38
C ALA A 117 -2.02 5.19 13.27
N CYS A 118 -0.82 4.78 13.66
CA CYS A 118 0.21 4.38 12.70
C CYS A 118 -0.23 3.14 11.92
N PHE A 119 -1.09 2.32 12.53
CA PHE A 119 -1.58 1.11 11.90
C PHE A 119 -2.49 1.43 10.71
N TYR A 120 -3.43 2.35 10.91
CA TYR A 120 -4.40 2.68 9.88
C TYR A 120 -3.87 3.72 8.88
N VAL A 121 -3.11 4.69 9.36
CA VAL A 121 -2.53 5.70 8.50
C VAL A 121 -1.64 5.05 7.43
N ALA A 122 -0.79 4.14 7.86
CA ALA A 122 0.10 3.43 6.93
C ALA A 122 -0.68 2.51 6.00
N MET A 123 -1.80 1.97 6.50
CA MET A 123 -2.63 1.07 5.70
C MET A 123 -3.36 1.83 4.59
N PHE A 124 -4.01 2.93 4.96
CA PHE A 124 -4.74 3.73 3.99
C PHE A 124 -3.81 4.40 3.00
N ALA A 125 -2.66 4.87 3.48
CA ALA A 125 -1.66 5.50 2.61
C ALA A 125 -1.14 4.50 1.59
N SER A 126 -0.96 3.26 2.03
CA SER A 126 -0.52 2.19 1.15
C SER A 126 -1.53 1.98 0.02
N LEU A 127 -2.80 2.08 0.35
CA LEU A 127 -3.87 1.94 -0.63
C LEU A 127 -4.02 3.20 -1.47
N CYS A 128 -3.68 4.34 -0.88
CA CYS A 128 -3.76 5.62 -1.59
C CYS A 128 -2.72 5.71 -2.70
N PHE A 129 -1.49 5.35 -2.39
CA PHE A 129 -0.40 5.42 -3.35
C PHE A 129 -0.53 4.35 -4.43
N ILE A 130 -1.03 3.17 -4.04
CA ILE A 130 -1.34 2.12 -4.99
C ILE A 130 -2.32 2.63 -6.03
N THR A 131 -3.35 3.34 -5.57
CA THR A 131 -4.31 3.99 -6.45
C THR A 131 -3.61 5.05 -7.29
N GLU A 132 -2.66 5.76 -6.67
CA GLU A 132 -1.92 6.82 -7.35
C GLU A 132 -0.99 6.28 -8.43
N ILE A 133 -0.49 5.06 -8.23
CA ILE A 133 0.32 4.39 -9.24
C ILE A 133 -0.44 4.28 -10.55
N ALA A 134 -1.66 3.76 -10.47
CA ALA A 134 -2.51 3.56 -11.63
C ALA A 134 -2.87 4.87 -12.31
N LEU A 135 -3.27 5.85 -11.51
CA LEU A 135 -3.67 7.16 -12.03
C LEU A 135 -2.52 7.85 -12.77
N ASP A 136 -1.35 7.87 -12.14
CA ASP A 136 -0.17 8.50 -12.73
C ASP A 136 0.18 7.85 -14.06
N ARG A 137 0.02 6.53 -14.13
CA ARG A 137 0.32 5.80 -15.35
C ARG A 137 -0.88 5.81 -16.30
N TYR A 138 -2.05 6.17 -15.78
CA TYR A 138 -3.23 6.32 -16.62
C TYR A 138 -3.11 7.59 -17.44
N TYR A 139 -2.98 8.73 -16.76
CA TYR A 139 -2.88 10.03 -17.44
C TYR A 139 -1.67 10.12 -18.37
N ALA A 140 -0.65 9.31 -18.10
CA ALA A 140 0.58 9.36 -18.88
C ALA A 140 0.46 8.60 -20.20
N ILE A 141 -0.23 7.47 -20.18
CA ILE A 141 -0.32 6.61 -21.36
C ILE A 141 -1.41 7.05 -22.33
N VAL A 142 -2.65 7.13 -21.87
CA VAL A 142 -3.77 7.42 -22.77
C VAL A 142 -3.95 8.92 -23.02
N TYR A 143 -3.79 9.73 -21.99
CA TYR A 143 -4.01 11.18 -22.11
C TYR A 143 -2.72 11.95 -22.30
N MET A 144 -1.59 11.23 -22.29
CA MET A 144 -0.27 11.81 -22.51
C MET A 144 0.04 12.98 -21.57
N ARG A 145 -0.40 12.85 -20.32
CA ARG A 145 -0.12 13.86 -19.30
C ARG A 145 0.95 13.36 -18.34
N TYR A 146 2.14 13.96 -18.41
CA TYR A 146 3.26 13.52 -17.60
C TYR A 146 3.52 14.46 -16.43
N ARG A 147 3.88 13.88 -15.30
CA ARG A 147 4.15 14.65 -14.08
C ARG A 147 5.62 14.63 -13.72
N PRO A 148 6.23 15.82 -13.54
CA PRO A 148 7.62 15.90 -13.11
C PRO A 148 7.79 15.47 -11.66
N VAL A 149 9.03 15.20 -11.25
CA VAL A 149 9.32 14.74 -9.90
C VAL A 149 8.85 15.75 -8.85
N LYS A 150 9.00 17.02 -9.17
CA LYS A 150 8.63 18.10 -8.25
C LYS A 150 7.15 18.07 -7.90
N GLN A 151 6.30 17.76 -8.88
CA GLN A 151 4.86 17.71 -8.67
C GLN A 151 4.44 16.43 -7.93
N ALA A 152 5.13 15.34 -8.23
CA ALA A 152 4.82 14.04 -7.61
C ALA A 152 5.05 14.07 -6.10
N CYS A 153 6.09 14.80 -5.69
CA CYS A 153 6.37 14.96 -4.27
C CYS A 153 5.25 15.75 -3.58
N LEU A 154 4.71 16.74 -4.29
CA LEU A 154 3.63 17.55 -3.75
C LEU A 154 2.36 16.70 -3.57
N PHE A 155 2.07 15.86 -4.55
CA PHE A 155 0.90 14.99 -4.48
C PHE A 155 1.07 13.94 -3.38
N SER A 156 2.30 13.49 -3.19
CA SER A 156 2.60 12.51 -2.14
C SER A 156 2.26 13.09 -0.77
N ILE A 157 2.55 14.38 -0.58
CA ILE A 157 2.20 15.08 0.64
C ILE A 157 0.69 15.09 0.83
N PHE A 158 -0.03 15.37 -0.25
CA PHE A 158 -1.49 15.43 -0.22
C PHE A 158 -2.10 14.08 0.15
N TRP A 159 -1.54 12.99 -0.37
CA TRP A 159 -2.05 11.66 -0.09
C TRP A 159 -1.85 11.26 1.36
N TRP A 160 -0.67 11.59 1.91
CA TRP A 160 -0.39 11.31 3.31
C TRP A 160 -1.35 12.06 4.22
N ILE A 161 -1.62 13.32 3.87
CA ILE A 161 -2.58 14.13 4.61
C ILE A 161 -3.97 13.54 4.51
N PHE A 162 -4.33 13.12 3.29
CA PHE A 162 -5.63 12.52 3.03
C PHE A 162 -5.76 11.16 3.74
N ALA A 163 -4.64 10.47 3.91
CA ALA A 163 -4.63 9.18 4.58
C ALA A 163 -4.82 9.34 6.07
N VAL A 164 -4.41 10.48 6.61
CA VAL A 164 -4.55 10.75 8.04
C VAL A 164 -5.99 11.12 8.39
N ILE A 165 -6.57 12.03 7.60
CA ILE A 165 -7.92 12.50 7.87
C ILE A 165 -8.96 11.42 7.65
N ILE A 166 -8.61 10.39 6.89
CA ILE A 166 -9.52 9.29 6.62
C ILE A 166 -9.33 8.18 7.64
N ALA A 167 -8.23 8.26 8.40
CA ALA A 167 -7.95 7.28 9.44
C ALA A 167 -8.45 7.77 10.79
N ILE A 168 -8.78 9.05 10.86
CA ILE A 168 -9.26 9.70 12.09
C ILE A 168 -10.36 8.91 12.83
N PRO A 169 -11.43 8.47 12.12
CA PRO A 169 -12.46 7.80 12.91
C PRO A 169 -12.09 6.37 13.34
N HIS A 170 -10.86 5.95 13.07
CA HIS A 170 -10.43 4.60 13.40
C HIS A 170 -9.55 4.53 14.65
N PHE A 171 -8.84 5.60 14.95
CA PHE A 171 -7.94 5.60 16.11
C PHE A 171 -8.30 6.63 17.18
N MET A 172 -9.06 7.65 16.79
CA MET A 172 -9.41 8.72 17.73
C MET A 172 -10.36 8.23 18.82
N VAL A 173 -11.05 7.14 18.56
CA VAL A 173 -11.95 6.55 19.54
C VAL A 173 -11.22 5.52 20.39
N VAL A 174 -10.03 5.12 19.95
CA VAL A 174 -9.24 4.11 20.63
C VAL A 174 -8.42 4.72 21.77
N THR A 175 -8.65 4.23 22.98
CA THR A 175 -7.89 4.68 24.16
C THR A 175 -7.40 3.48 24.97
N LYS A 176 -6.67 3.76 26.04
CA LYS A 176 -6.13 2.70 26.88
C LYS A 176 -6.87 2.61 28.21
N LYS A 177 -7.60 1.51 28.39
CA LYS A 177 -8.34 1.28 29.62
C LYS A 177 -8.00 -0.09 30.21
N ASP A 178 -7.55 -0.10 31.46
CA ASP A 178 -7.16 -1.32 32.15
C ASP A 178 -6.08 -2.08 31.36
N ASN A 179 -5.09 -1.32 30.88
CA ASN A 179 -3.99 -1.86 30.09
C ASN A 179 -4.45 -2.63 28.85
N GLN A 180 -5.59 -2.23 28.30
CA GLN A 180 -6.14 -2.86 27.11
C GLN A 180 -6.66 -1.81 26.13
N CYS A 181 -6.29 -1.95 24.86
CA CYS A 181 -6.77 -1.06 23.82
C CYS A 181 -8.25 -1.34 23.54
N MET A 182 -9.10 -0.35 23.81
CA MET A 182 -10.54 -0.56 23.69
C MET A 182 -11.26 0.63 23.07
N THR A 183 -12.43 0.36 22.51
CA THR A 183 -13.29 1.40 21.95
C THR A 183 -14.59 1.45 22.73
N ASP A 184 -14.82 2.56 23.44
CA ASP A 184 -16.03 2.71 24.24
C ASP A 184 -17.25 2.89 23.35
N TYR A 185 -17.94 1.80 23.06
CA TYR A 185 -19.10 1.83 22.18
C TYR A 185 -20.34 2.39 22.88
N ASP A 186 -20.33 2.40 24.20
CA ASP A 186 -21.45 2.90 24.97
C ASP A 186 -21.52 4.43 24.93
N TYR A 187 -20.36 5.07 24.87
CA TYR A 187 -20.30 6.53 24.78
C TYR A 187 -20.39 6.99 23.32
N LEU A 188 -20.54 6.03 22.41
CA LEU A 188 -20.70 6.33 21.00
C LEU A 188 -22.08 5.88 20.51
N GLU A 189 -22.47 6.38 19.34
CA GLU A 189 -23.75 5.99 18.75
C GLU A 189 -23.66 4.58 18.17
N VAL A 190 -24.81 3.93 18.02
CA VAL A 190 -24.88 2.56 17.53
C VAL A 190 -24.50 2.48 16.05
N SER A 191 -24.60 3.61 15.36
CA SER A 191 -24.31 3.64 13.93
C SER A 191 -22.81 3.66 13.64
N TYR A 192 -22.02 3.96 14.67
CA TYR A 192 -20.57 4.12 14.49
C TYR A 192 -19.85 2.87 14.00
N PRO A 193 -20.10 1.69 14.62
CA PRO A 193 -19.39 0.52 14.08
C PRO A 193 -19.84 0.13 12.67
N ILE A 194 -21.04 0.55 12.30
CA ILE A 194 -21.56 0.29 10.96
C ILE A 194 -20.89 1.21 9.95
N ILE A 195 -20.88 2.51 10.25
CA ILE A 195 -20.23 3.51 9.41
C ILE A 195 -18.74 3.19 9.25
N LEU A 196 -18.13 2.75 10.34
CA LEU A 196 -16.71 2.41 10.35
C LEU A 196 -16.42 1.24 9.40
N ASN A 197 -17.36 0.31 9.31
CA ASN A 197 -17.22 -0.83 8.41
C ASN A 197 -17.47 -0.42 6.96
N VAL A 198 -18.51 0.37 6.74
CA VAL A 198 -18.87 0.82 5.40
C VAL A 198 -17.73 1.65 4.80
N GLU A 199 -17.19 2.57 5.58
CA GLU A 199 -16.08 3.42 5.14
C GLU A 199 -14.86 2.56 4.78
N LEU A 200 -14.62 1.53 5.58
CA LEU A 200 -13.47 0.65 5.37
C LEU A 200 -13.68 -0.22 4.14
N MET A 201 -14.93 -0.61 3.89
CA MET A 201 -15.24 -1.49 2.77
C MET A 201 -15.11 -0.78 1.43
N LEU A 202 -15.68 0.41 1.32
CA LEU A 202 -15.64 1.15 0.06
C LEU A 202 -14.33 1.90 -0.09
N GLY A 203 -13.77 2.37 1.03
CA GLY A 203 -12.56 3.16 1.01
C GLY A 203 -11.30 2.36 0.75
N ALA A 204 -11.24 1.15 1.31
CA ALA A 204 -10.03 0.34 1.23
C ALA A 204 -10.11 -0.73 0.14
N PHE A 205 -11.31 -1.03 -0.34
CA PHE A 205 -11.47 -2.07 -1.34
C PHE A 205 -12.16 -1.58 -2.61
N VAL A 206 -13.43 -1.19 -2.49
CA VAL A 206 -14.25 -0.84 -3.65
C VAL A 206 -13.63 0.25 -4.52
N ILE A 207 -13.39 1.42 -3.93
CA ILE A 207 -12.82 2.55 -4.68
C ILE A 207 -11.43 2.26 -5.24
N PRO A 208 -10.49 1.71 -4.42
CA PRO A 208 -9.17 1.45 -5.02
C PRO A 208 -9.21 0.40 -6.13
N LEU A 209 -9.97 -0.68 -5.93
CA LEU A 209 -10.05 -1.75 -6.91
C LEU A 209 -10.74 -1.27 -8.18
N SER A 210 -11.71 -0.36 -8.04
CA SER A 210 -12.43 0.16 -9.18
C SER A 210 -11.55 1.05 -10.04
N VAL A 211 -10.71 1.86 -9.38
CA VAL A 211 -9.84 2.79 -10.08
C VAL A 211 -8.71 2.06 -10.82
N ILE A 212 -8.00 1.19 -10.12
CA ILE A 212 -6.86 0.48 -10.72
C ILE A 212 -7.30 -0.50 -11.80
N SER A 213 -8.55 -0.95 -11.74
CA SER A 213 -9.07 -1.87 -12.75
C SER A 213 -9.41 -1.12 -14.03
N TYR A 214 -10.11 0.00 -13.88
CA TYR A 214 -10.47 0.84 -15.01
C TYR A 214 -9.24 1.39 -15.70
N CYS A 215 -8.29 1.89 -14.90
CA CYS A 215 -7.07 2.47 -15.43
C CYS A 215 -6.25 1.44 -16.21
N TYR A 216 -5.99 0.30 -15.58
CA TYR A 216 -5.14 -0.72 -16.19
C TYR A 216 -5.82 -1.45 -17.33
N TYR A 217 -7.15 -1.45 -17.35
CA TYR A 217 -7.87 -2.00 -18.51
C TYR A 217 -7.67 -1.10 -19.71
N ARG A 218 -7.85 0.20 -19.51
CA ARG A 218 -7.65 1.19 -20.55
C ARG A 218 -6.22 1.16 -21.08
N ILE A 219 -5.26 1.07 -20.16
CA ILE A 219 -3.84 1.04 -20.52
C ILE A 219 -3.50 -0.22 -21.30
N SER A 220 -3.92 -1.37 -20.77
CA SER A 220 -3.64 -2.66 -21.40
C SER A 220 -4.25 -2.74 -22.80
N ARG A 221 -5.40 -2.11 -22.97
CA ARG A 221 -6.12 -2.18 -24.24
C ARG A 221 -5.46 -1.33 -25.32
N ILE A 222 -4.63 -0.39 -24.89
CA ILE A 222 -3.91 0.49 -25.81
C ILE A 222 -2.56 -0.12 -26.20
N VAL A 223 -1.86 -0.64 -25.19
CA VAL A 223 -0.53 -1.20 -25.38
C VAL A 223 -0.58 -2.51 -26.18
N ALA A 224 -1.64 -3.29 -25.98
CA ALA A 224 -1.79 -4.58 -26.64
C ALA A 224 -1.86 -4.46 -28.16
N VAL A 225 -2.29 -3.28 -28.64
CA VAL A 225 -2.41 -3.06 -30.07
C VAL A 225 -1.28 -2.15 -30.58
N SER A 226 -0.45 -1.67 -29.66
CA SER A 226 0.68 -0.82 -30.02
C SER A 226 1.82 -1.65 -30.58
N GLN A 227 2.88 -0.98 -31.01
CA GLN A 227 4.04 -1.66 -31.58
C GLN A 227 5.19 -1.76 -30.57
N SER A 228 4.86 -1.64 -29.30
CA SER A 228 5.85 -1.80 -28.24
C SER A 228 6.40 -3.23 -28.22
N ARG A 229 7.70 -3.36 -28.01
CA ARG A 229 8.34 -4.67 -28.02
C ARG A 229 8.24 -5.34 -26.66
N HIS A 230 7.54 -4.71 -25.73
CA HIS A 230 7.31 -5.28 -24.42
C HIS A 230 5.82 -5.20 -24.06
N LYS A 231 4.99 -5.07 -25.09
CA LYS A 231 3.54 -4.93 -24.90
C LYS A 231 2.94 -6.15 -24.20
N GLY A 232 3.54 -7.32 -24.42
CA GLY A 232 3.03 -8.55 -23.83
C GLY A 232 3.18 -8.60 -22.32
N ARG A 233 4.39 -8.33 -21.84
CA ARG A 233 4.68 -8.41 -20.41
C ARG A 233 4.03 -7.28 -19.63
N ILE A 234 3.90 -6.12 -20.26
CA ILE A 234 3.27 -4.97 -19.63
C ILE A 234 1.85 -5.29 -19.16
N VAL A 235 1.08 -5.93 -20.03
CA VAL A 235 -0.30 -6.28 -19.71
C VAL A 235 -0.35 -7.32 -18.58
N ARG A 236 0.54 -8.31 -18.65
CA ARG A 236 0.60 -9.36 -17.64
C ARG A 236 0.94 -8.81 -16.27
N VAL A 237 1.79 -7.80 -16.23
CA VAL A 237 2.17 -7.14 -14.98
C VAL A 237 0.96 -6.44 -14.37
N LEU A 238 0.22 -5.71 -15.21
CA LEU A 238 -0.94 -4.95 -14.75
C LEU A 238 -2.09 -5.85 -14.31
N ILE A 239 -2.24 -6.99 -14.98
CA ILE A 239 -3.25 -7.97 -14.61
C ILE A 239 -2.94 -8.56 -13.23
N ALA A 240 -1.65 -8.85 -13.01
CA ALA A 240 -1.20 -9.43 -11.75
C ALA A 240 -1.51 -8.52 -10.56
N VAL A 241 -1.33 -7.21 -10.77
CA VAL A 241 -1.64 -6.22 -9.74
C VAL A 241 -3.09 -6.34 -9.28
N VAL A 242 -4.00 -6.47 -10.24
CA VAL A 242 -5.42 -6.57 -9.93
C VAL A 242 -5.75 -7.91 -9.27
N LEU A 243 -5.21 -8.99 -9.82
CA LEU A 243 -5.48 -10.34 -9.32
C LEU A 243 -4.99 -10.54 -7.89
N VAL A 244 -3.75 -10.11 -7.63
CA VAL A 244 -3.17 -10.24 -6.30
C VAL A 244 -3.95 -9.44 -5.27
N PHE A 245 -4.38 -8.24 -5.65
CA PHE A 245 -5.15 -7.38 -4.78
C PHE A 245 -6.46 -8.03 -4.35
N ILE A 246 -7.11 -8.70 -5.30
CA ILE A 246 -8.38 -9.36 -5.04
C ILE A 246 -8.20 -10.58 -4.12
N ILE A 247 -7.29 -11.47 -4.48
CA ILE A 247 -7.11 -12.73 -3.76
C ILE A 247 -6.56 -12.54 -2.34
N PHE A 248 -6.21 -11.31 -1.98
CA PHE A 248 -5.66 -11.04 -0.65
C PHE A 248 -6.56 -10.13 0.18
N TRP A 249 -7.37 -9.31 -0.48
CA TRP A 249 -8.21 -8.35 0.23
C TRP A 249 -9.69 -8.71 0.23
N LEU A 250 -10.16 -9.34 -0.85
CA LEU A 250 -11.57 -9.69 -0.98
C LEU A 250 -12.11 -10.58 0.15
N PRO A 251 -11.34 -11.61 0.58
CA PRO A 251 -11.87 -12.42 1.68
C PRO A 251 -12.13 -11.63 2.96
N TYR A 252 -11.34 -10.59 3.21
CA TYR A 252 -11.50 -9.78 4.41
C TYR A 252 -12.72 -8.87 4.32
N HIS A 253 -12.87 -8.20 3.18
CA HIS A 253 -13.97 -7.25 3.00
C HIS A 253 -15.30 -7.94 2.82
N LEU A 254 -15.27 -9.16 2.28
CA LEU A 254 -16.49 -9.94 2.11
C LEU A 254 -16.94 -10.47 3.46
N THR A 255 -16.00 -10.59 4.39
CA THR A 255 -16.30 -10.99 5.77
C THR A 255 -16.80 -9.77 6.54
N LEU A 256 -16.30 -8.60 6.18
CA LEU A 256 -16.77 -7.34 6.77
C LEU A 256 -18.20 -7.06 6.35
N PHE A 257 -18.56 -7.50 5.14
CA PHE A 257 -19.89 -7.26 4.60
C PHE A 257 -20.95 -8.03 5.39
N VAL A 258 -20.64 -9.28 5.73
CA VAL A 258 -21.58 -10.10 6.50
C VAL A 258 -21.56 -9.72 7.98
N ASP A 259 -20.48 -9.09 8.40
CA ASP A 259 -20.38 -8.58 9.77
C ASP A 259 -21.18 -7.29 9.88
N THR A 260 -21.13 -6.48 8.84
CA THR A 260 -21.91 -5.26 8.78
C THR A 260 -23.39 -5.60 8.67
N LEU A 261 -23.69 -6.67 7.96
CA LEU A 261 -25.05 -7.16 7.82
C LEU A 261 -25.62 -7.60 9.16
N LYS A 262 -24.76 -8.14 10.02
CA LYS A 262 -25.15 -8.55 11.35
C LYS A 262 -25.49 -7.34 12.21
N LEU A 263 -24.61 -6.33 12.17
CA LEU A 263 -24.82 -5.08 12.91
C LEU A 263 -26.04 -4.34 12.39
N LEU A 264 -26.30 -4.48 11.09
CA LEU A 264 -27.40 -3.78 10.43
C LEU A 264 -28.73 -4.48 10.70
N LYS A 265 -28.67 -5.59 11.41
CA LYS A 265 -29.86 -6.39 11.76
C LYS A 265 -30.61 -6.90 10.53
N TRP A 266 -29.90 -7.01 9.41
CA TRP A 266 -30.51 -7.55 8.19
C TRP A 266 -30.59 -9.06 8.25
N ILE A 267 -29.63 -9.66 8.94
CA ILE A 267 -29.61 -11.11 9.13
C ILE A 267 -29.60 -11.45 10.62
N SER A 268 -30.06 -12.65 10.95
CA SER A 268 -30.04 -13.12 12.32
C SER A 268 -28.66 -13.64 12.69
N SER A 269 -28.36 -13.71 13.98
CA SER A 269 -27.07 -14.18 14.44
C SER A 269 -27.16 -14.92 15.76
N SER A 270 -26.93 -16.24 15.72
CA SER A 270 -26.87 -17.05 16.92
C SER A 270 -25.50 -16.88 17.57
N CYS A 271 -25.28 -17.56 18.69
CA CYS A 271 -23.98 -17.53 19.35
C CYS A 271 -22.93 -18.18 18.46
N GLU A 272 -23.26 -19.33 17.90
CA GLU A 272 -22.33 -20.07 17.04
C GLU A 272 -21.93 -19.26 15.81
N PHE A 273 -22.87 -18.51 15.26
CA PHE A 273 -22.61 -17.71 14.06
C PHE A 273 -21.63 -16.57 14.34
N GLU A 274 -21.79 -15.93 15.50
CA GLU A 274 -20.90 -14.84 15.89
C GLU A 274 -19.48 -15.33 16.13
N ARG A 275 -19.36 -16.61 16.51
CA ARG A 275 -18.06 -17.20 16.76
C ARG A 275 -17.34 -17.53 15.45
N SER A 276 -18.09 -18.02 14.48
CA SER A 276 -17.54 -18.29 13.16
C SER A 276 -17.13 -17.00 12.47
N LEU A 277 -17.97 -15.97 12.62
CA LEU A 277 -17.72 -14.67 12.03
C LEU A 277 -16.53 -13.98 12.70
N LYS A 278 -16.38 -14.22 14.00
CA LYS A 278 -15.26 -13.67 14.76
C LYS A 278 -13.94 -14.24 14.26
N ARG A 279 -13.89 -15.58 14.15
CA ARG A 279 -12.70 -16.28 13.70
C ARG A 279 -12.36 -15.90 12.26
N ALA A 280 -13.39 -15.80 11.42
CA ALA A 280 -13.20 -15.45 10.02
C ALA A 280 -12.61 -14.05 9.87
N LEU A 281 -13.08 -13.13 10.69
CA LEU A 281 -12.58 -11.75 10.67
C LEU A 281 -11.11 -11.68 11.07
N ILE A 282 -10.74 -12.46 12.08
CA ILE A 282 -9.36 -12.47 12.56
C ILE A 282 -8.40 -13.08 11.54
N LEU A 283 -8.78 -14.23 10.99
CA LEU A 283 -7.93 -14.94 10.04
C LEU A 283 -7.76 -14.18 8.73
N THR A 284 -8.87 -13.77 8.14
CA THR A 284 -8.85 -13.09 6.84
C THR A 284 -8.15 -11.74 6.91
N GLU A 285 -8.16 -11.12 8.09
CA GLU A 285 -7.50 -9.84 8.29
C GLU A 285 -5.98 -10.00 8.19
N SER A 286 -5.47 -11.08 8.77
CA SER A 286 -4.05 -11.36 8.76
C SER A 286 -3.58 -11.73 7.35
N LEU A 287 -4.49 -12.29 6.57
CA LEU A 287 -4.20 -12.65 5.18
C LEU A 287 -3.95 -11.39 4.34
N ALA A 288 -4.74 -10.36 4.60
CA ALA A 288 -4.64 -9.11 3.84
C ALA A 288 -3.36 -8.36 4.16
N PHE A 289 -2.76 -8.68 5.30
CA PHE A 289 -1.52 -8.02 5.72
C PHE A 289 -0.33 -8.50 4.90
N CYS A 290 -0.51 -9.62 4.22
CA CYS A 290 0.56 -10.20 3.41
C CYS A 290 0.72 -9.45 2.09
N HIS A 291 -0.28 -8.65 1.74
CA HIS A 291 -0.29 -7.96 0.46
C HIS A 291 0.81 -6.89 0.37
N CYS A 292 1.14 -6.28 1.50
CA CYS A 292 2.16 -5.23 1.53
C CYS A 292 3.56 -5.83 1.36
N CYS A 293 3.65 -7.14 1.51
CA CYS A 293 4.91 -7.84 1.26
C CYS A 293 5.08 -8.14 -0.22
N LEU A 294 3.97 -8.13 -0.94
CA LEU A 294 3.97 -8.44 -2.37
C LEU A 294 4.13 -7.18 -3.22
N ASN A 295 3.88 -6.03 -2.61
CA ASN A 295 4.03 -4.74 -3.30
C ASN A 295 5.41 -4.51 -3.93
N PRO A 296 6.50 -4.90 -3.24
CA PRO A 296 7.79 -4.79 -3.92
C PRO A 296 7.90 -5.63 -5.19
N LEU A 297 7.21 -6.77 -5.22
CA LEU A 297 7.26 -7.67 -6.36
C LEU A 297 6.29 -7.26 -7.47
N LEU A 298 5.39 -6.33 -7.14
CA LEU A 298 4.32 -5.97 -8.05
C LEU A 298 4.63 -4.72 -8.89
N TYR A 299 5.52 -3.87 -8.40
CA TYR A 299 5.79 -2.60 -9.06
C TYR A 299 7.27 -2.38 -9.39
N VAL A 300 8.12 -2.48 -8.37
CA VAL A 300 9.54 -2.13 -8.52
C VAL A 300 10.36 -3.25 -9.14
N PHE A 301 10.48 -4.38 -8.43
CA PHE A 301 11.37 -5.46 -8.87
C PHE A 301 10.78 -6.29 -9.99
N VAL A 302 9.71 -5.81 -10.61
CA VAL A 302 9.14 -6.46 -11.77
C VAL A 302 9.73 -5.82 -13.03
N GLY A 303 10.36 -4.67 -12.84
CA GLY A 303 11.03 -3.97 -13.93
C GLY A 303 12.48 -4.38 -14.02
N THR A 304 12.97 -4.57 -15.25
CA THR A 304 14.31 -5.07 -15.48
C THR A 304 15.40 -4.13 -14.97
N LYS A 305 15.15 -2.83 -15.06
CA LYS A 305 16.12 -1.83 -14.60
C LYS A 305 16.37 -1.96 -13.11
N PHE A 306 15.31 -2.20 -12.34
CA PHE A 306 15.44 -2.38 -10.90
C PHE A 306 16.00 -3.76 -10.58
N ARG A 307 15.77 -4.72 -11.48
CA ARG A 307 16.31 -6.06 -11.33
C ARG A 307 17.82 -6.06 -11.55
N GLN A 308 18.25 -5.35 -12.59
CA GLN A 308 19.67 -5.25 -12.90
C GLN A 308 20.41 -4.42 -11.86
N GLU A 309 19.76 -3.35 -11.39
CA GLU A 309 20.35 -2.48 -10.39
C GLU A 309 20.59 -3.20 -9.08
N LEU A 310 19.60 -3.98 -8.64
CA LEU A 310 19.72 -4.76 -7.42
C LEU A 310 20.79 -5.83 -7.57
N HIS A 311 20.92 -6.37 -8.78
CA HIS A 311 21.92 -7.38 -9.06
C HIS A 311 23.32 -6.78 -8.96
N CYS A 312 23.44 -5.52 -9.32
CA CYS A 312 24.72 -4.80 -9.21
C CYS A 312 25.03 -4.46 -7.75
N LEU A 313 24.00 -4.03 -7.02
CA LEU A 313 24.17 -3.65 -5.63
C LEU A 313 24.55 -4.85 -4.76
N LEU A 314 23.90 -5.99 -5.00
CA LEU A 314 24.19 -7.21 -4.25
C LEU A 314 25.57 -7.76 -4.61
N ALA A 315 26.09 -7.35 -5.76
CA ALA A 315 27.40 -7.79 -6.20
C ALA A 315 28.50 -6.87 -5.68
N GLU A 316 28.19 -5.59 -5.55
CA GLU A 316 29.15 -4.61 -5.06
C GLU A 316 29.30 -4.69 -3.55
N PHE A 317 28.26 -5.17 -2.87
CA PHE A 317 28.30 -5.33 -1.43
C PHE A 317 28.84 -6.71 -1.03
N ARG A 318 29.12 -7.53 -2.04
CA ARG A 318 29.72 -8.84 -1.82
C ARG A 318 31.01 -9.00 -2.61
N HIS B 2 -7.65 -3.29 15.48
CA HIS B 2 -8.14 -4.27 14.52
C HIS B 2 -8.55 -5.57 15.21
N HIS B 3 -9.12 -6.48 14.43
CA HIS B 3 -9.70 -7.71 14.97
C HIS B 3 -8.62 -8.69 15.46
N GLY B 4 -7.40 -8.53 14.96
CA GLY B 4 -6.30 -9.39 15.36
C GLY B 4 -5.97 -9.26 16.84
N VAL B 5 -5.95 -8.02 17.32
CA VAL B 5 -5.64 -7.76 18.73
C VAL B 5 -6.89 -7.46 19.53
N THR B 6 -7.51 -8.51 20.06
CA THR B 6 -8.72 -8.37 20.85
C THR B 6 -8.71 -9.35 22.02
N LYS B 7 -9.01 -8.85 23.21
CA LYS B 7 -9.02 -9.69 24.40
C LYS B 7 -10.42 -9.80 24.97
N CYS B 8 -11.41 -9.44 24.16
CA CYS B 8 -12.82 -9.55 24.55
C CYS B 8 -13.36 -10.92 24.17
N ALA B 9 -13.72 -11.73 25.17
CA ALA B 9 -14.20 -13.08 24.94
C ALA B 9 -15.67 -13.23 25.33
N ILE B 10 -16.25 -12.18 25.87
CA ILE B 10 -17.64 -12.22 26.30
C ILE B 10 -18.49 -11.15 25.61
N THR B 11 -19.60 -11.57 25.01
CA THR B 11 -20.54 -10.64 24.39
C THR B 11 -21.96 -10.90 24.90
N CYS B 12 -22.67 -9.83 25.21
CA CYS B 12 -24.04 -9.92 25.73
C CYS B 12 -25.05 -9.32 24.77
N SER B 13 -26.17 -10.01 24.59
CA SER B 13 -27.25 -9.53 23.73
C SER B 13 -28.42 -9.00 24.55
N LYS B 14 -28.65 -9.62 25.70
CA LYS B 14 -29.73 -9.20 26.58
C LYS B 14 -29.29 -9.23 28.05
N MET B 15 -30.13 -8.71 28.92
CA MET B 15 -29.84 -8.66 30.34
C MET B 15 -30.89 -9.42 31.14
N THR B 16 -30.46 -10.07 32.22
CA THR B 16 -31.38 -10.83 33.08
C THR B 16 -32.22 -9.89 33.94
N SER B 17 -33.41 -10.36 34.30
CA SER B 17 -34.32 -9.56 35.12
C SER B 17 -34.50 -10.18 36.50
N LYS B 18 -34.91 -11.44 36.55
CA LYS B 18 -35.06 -12.14 37.81
C LYS B 18 -33.70 -12.36 38.47
N ILE B 19 -33.66 -12.24 39.78
CA ILE B 19 -32.41 -12.38 40.51
C ILE B 19 -32.61 -12.63 42.00
N PRO B 20 -32.46 -13.90 42.43
CA PRO B 20 -32.38 -14.22 43.85
C PRO B 20 -30.97 -13.90 44.38
N VAL B 21 -30.90 -13.05 45.40
CA VAL B 21 -29.63 -12.53 45.89
C VAL B 21 -28.73 -13.63 46.46
N ALA B 22 -29.34 -14.74 46.89
CA ALA B 22 -28.59 -15.81 47.53
C ALA B 22 -28.34 -16.99 46.61
N LEU B 23 -28.38 -16.76 45.31
CA LEU B 23 -28.13 -17.81 44.34
C LEU B 23 -26.78 -17.64 43.66
N LEU B 24 -26.12 -16.51 43.92
CA LEU B 24 -24.83 -16.23 43.33
C LEU B 24 -23.69 -16.70 44.24
N ILE B 25 -22.59 -17.11 43.63
CA ILE B 25 -21.42 -17.55 44.38
C ILE B 25 -20.21 -16.67 44.03
N HIS B 26 -20.20 -16.16 42.80
CA HIS B 26 -19.13 -15.29 42.34
C HIS B 26 -19.57 -14.55 41.08
N TYR B 27 -18.96 -13.39 40.83
CA TYR B 27 -19.27 -12.61 39.63
C TYR B 27 -17.99 -12.16 38.94
N GLN B 28 -18.05 -12.01 37.63
CA GLN B 28 -16.88 -11.62 36.85
C GLN B 28 -17.10 -10.30 36.12
N GLN B 29 -16.10 -9.43 36.18
CA GLN B 29 -16.15 -8.15 35.47
C GLN B 29 -15.80 -8.39 34.00
N ASN B 30 -16.59 -7.80 33.10
CA ASN B 30 -16.36 -7.96 31.66
C ASN B 30 -15.04 -7.34 31.22
N GLN B 31 -14.45 -7.91 30.19
CA GLN B 31 -13.17 -7.42 29.67
C GLN B 31 -13.28 -5.98 29.16
N ALA B 32 -12.21 -5.21 29.35
CA ALA B 32 -12.19 -3.82 28.93
C ALA B 32 -12.25 -3.69 27.42
N SER B 33 -11.62 -4.65 26.73
CA SER B 33 -11.54 -4.63 25.27
C SER B 33 -12.92 -4.73 24.61
N CYS B 34 -13.91 -5.21 25.36
CA CYS B 34 -15.27 -5.34 24.84
C CYS B 34 -15.89 -3.98 24.54
N GLY B 35 -15.57 -2.99 25.37
CA GLY B 35 -16.09 -1.65 25.19
C GLY B 35 -17.56 -1.54 25.53
N LYS B 36 -18.08 -2.55 26.22
CA LYS B 36 -19.48 -2.57 26.61
C LYS B 36 -19.63 -2.93 28.08
N ARG B 37 -20.20 -2.00 28.85
CA ARG B 37 -20.37 -2.19 30.28
C ARG B 37 -21.42 -3.26 30.58
N ALA B 38 -20.96 -4.40 31.10
CA ALA B 38 -21.85 -5.49 31.46
C ALA B 38 -21.25 -6.33 32.58
N ILE B 39 -22.11 -6.94 33.39
CA ILE B 39 -21.65 -7.77 34.51
C ILE B 39 -21.98 -9.23 34.28
N ILE B 40 -21.00 -10.10 34.51
CA ILE B 40 -21.19 -11.54 34.37
C ILE B 40 -21.43 -12.18 35.73
N LEU B 41 -22.58 -12.81 35.89
CA LEU B 41 -22.95 -13.43 37.16
C LEU B 41 -22.91 -14.95 37.07
N GLU B 42 -22.11 -15.57 37.93
CA GLU B 42 -22.04 -17.02 38.01
C GLU B 42 -22.86 -17.51 39.20
N THR B 43 -23.99 -18.14 38.92
CA THR B 43 -24.87 -18.64 39.96
C THR B 43 -24.28 -19.87 40.65
N ARG B 44 -24.96 -20.35 41.69
CA ARG B 44 -24.53 -21.55 42.40
C ARG B 44 -24.76 -22.78 41.52
N GLN B 45 -25.53 -22.59 40.45
CA GLN B 45 -25.81 -23.66 39.49
C GLN B 45 -24.74 -23.71 38.42
N HIS B 46 -23.66 -22.94 38.62
CA HIS B 46 -22.57 -22.81 37.66
C HIS B 46 -23.08 -22.37 36.29
N ARG B 47 -23.99 -21.41 36.29
CA ARG B 47 -24.53 -20.86 35.04
C ARG B 47 -24.20 -19.37 34.93
N LEU B 48 -23.71 -18.96 33.78
CA LEU B 48 -23.34 -17.57 33.56
C LEU B 48 -24.50 -16.76 32.98
N PHE B 49 -24.64 -15.51 33.42
CA PHE B 49 -25.70 -14.64 32.94
C PHE B 49 -25.25 -13.19 32.87
N CYS B 50 -25.74 -12.48 31.85
CA CYS B 50 -25.41 -11.07 31.67
C CYS B 50 -26.29 -10.18 32.55
N ALA B 51 -25.66 -9.21 33.21
CA ALA B 51 -26.39 -8.29 34.07
C ALA B 51 -25.93 -6.85 33.83
N ASP B 52 -26.91 -5.95 33.68
CA ASP B 52 -26.61 -4.53 33.45
C ASP B 52 -26.06 -3.88 34.72
N PRO B 53 -24.85 -3.30 34.62
CA PRO B 53 -24.16 -2.68 35.76
C PRO B 53 -24.87 -1.44 36.29
N LYS B 54 -25.73 -0.84 35.47
CA LYS B 54 -26.43 0.38 35.87
C LYS B 54 -27.78 0.06 36.51
N GLU B 55 -27.83 -1.02 37.28
CA GLU B 55 -29.05 -1.40 37.99
C GLU B 55 -28.86 -1.26 39.49
N GLN B 56 -29.95 -1.00 40.20
CA GLN B 56 -29.90 -0.79 41.65
C GLN B 56 -29.65 -2.10 42.40
N TRP B 57 -30.14 -3.20 41.83
CA TRP B 57 -30.02 -4.50 42.48
C TRP B 57 -28.65 -5.15 42.25
N VAL B 58 -28.02 -4.80 41.14
CA VAL B 58 -26.69 -5.33 40.82
C VAL B 58 -25.65 -4.81 41.80
N LYS B 59 -25.73 -3.53 42.11
CA LYS B 59 -24.83 -2.91 43.07
C LYS B 59 -25.01 -3.52 44.45
N ASP B 60 -26.24 -3.94 44.76
CA ASP B 60 -26.53 -4.59 46.02
C ASP B 60 -26.13 -6.06 45.99
N ALA B 61 -26.10 -6.63 44.79
CA ALA B 61 -25.70 -8.03 44.62
C ALA B 61 -24.19 -8.16 44.65
N MET B 62 -23.50 -7.16 44.11
CA MET B 62 -22.04 -7.18 44.07
C MET B 62 -21.45 -6.88 45.45
N GLN B 63 -22.28 -6.30 46.33
CA GLN B 63 -21.85 -5.97 47.68
C GLN B 63 -21.88 -7.19 48.58
N HIS B 64 -22.87 -8.05 48.37
CA HIS B 64 -23.04 -9.25 49.19
C HIS B 64 -22.00 -10.32 48.84
N LEU B 65 -21.61 -10.36 47.57
CA LEU B 65 -20.65 -11.35 47.09
C LEU B 65 -19.22 -11.01 47.53
N ASP B 66 -18.87 -9.74 47.44
CA ASP B 66 -17.52 -9.29 47.81
C ASP B 66 -17.27 -9.41 49.30
N ARG B 67 -18.32 -9.26 50.09
CA ARG B 67 -18.21 -9.33 51.54
C ARG B 67 -18.15 -10.78 52.02
N GLN B 68 -19.06 -11.60 51.51
CA GLN B 68 -19.13 -13.01 51.90
C GLN B 68 -17.94 -13.79 51.34
N GLN C 5 7.85 -3.38 -35.46
CA GLN C 5 8.85 -3.02 -34.46
C GLN C 5 9.14 -1.52 -34.50
N VAL C 6 9.41 -0.95 -33.33
CA VAL C 6 9.71 0.48 -33.22
C VAL C 6 11.22 0.73 -33.27
N GLN C 7 11.65 1.54 -34.24
CA GLN C 7 13.07 1.86 -34.39
C GLN C 7 13.31 3.34 -34.14
N LEU C 8 14.44 3.66 -33.52
CA LEU C 8 14.82 5.05 -33.26
C LEU C 8 15.65 5.61 -34.41
N VAL C 9 15.04 6.52 -35.18
CA VAL C 9 15.71 7.13 -36.31
C VAL C 9 16.50 8.37 -35.89
N GLU C 10 17.80 8.36 -36.15
CA GLU C 10 18.66 9.47 -35.77
C GLU C 10 19.10 10.30 -36.96
N SER C 11 19.28 11.60 -36.75
CA SER C 11 19.72 12.51 -37.80
C SER C 11 20.21 13.83 -37.21
N GLY C 12 21.25 14.40 -37.81
CA GLY C 12 21.77 15.68 -37.37
C GLY C 12 23.26 15.70 -37.12
N GLY C 13 23.92 14.57 -37.39
CA GLY C 13 25.35 14.47 -37.20
C GLY C 13 26.13 15.16 -38.31
N GLY C 14 27.46 15.10 -38.22
CA GLY C 14 28.31 15.68 -39.24
C GLY C 14 29.65 16.17 -38.72
N LEU C 15 30.33 16.97 -39.53
CA LEU C 15 31.63 17.52 -39.16
C LEU C 15 31.53 19.02 -38.94
N VAL C 16 32.22 19.52 -37.92
CA VAL C 16 32.15 20.93 -37.57
C VAL C 16 33.43 21.39 -36.87
N ARG C 17 33.84 22.62 -37.14
CA ARG C 17 35.02 23.21 -36.51
C ARG C 17 34.80 23.41 -35.01
N PRO C 18 35.88 23.34 -34.21
CA PRO C 18 35.81 23.56 -32.76
C PRO C 18 35.15 24.89 -32.39
N GLY C 19 34.10 24.83 -31.58
CA GLY C 19 33.37 26.02 -31.18
C GLY C 19 32.08 26.16 -31.96
N GLY C 20 31.87 25.26 -32.91
CA GLY C 20 30.66 25.29 -33.72
C GLY C 20 29.47 24.70 -33.00
N SER C 21 28.43 24.37 -33.76
CA SER C 21 27.20 23.83 -33.17
C SER C 21 26.52 22.81 -34.08
N LEU C 22 25.89 21.81 -33.46
CA LEU C 22 25.13 20.80 -34.18
C LEU C 22 23.82 20.51 -33.46
N ARG C 23 22.86 19.96 -34.20
CA ARG C 23 21.57 19.61 -33.62
C ARG C 23 21.17 18.19 -33.97
N LEU C 24 21.29 17.28 -33.01
CA LEU C 24 20.91 15.88 -33.20
C LEU C 24 19.40 15.72 -33.04
N SER C 25 18.81 14.87 -33.87
CA SER C 25 17.38 14.62 -33.81
C SER C 25 17.08 13.13 -33.77
N CYS C 26 16.16 12.73 -32.91
CA CYS C 26 15.78 11.33 -32.76
C CYS C 26 14.29 11.19 -32.55
N ALA C 27 13.70 10.17 -33.17
CA ALA C 27 12.25 9.95 -33.07
C ALA C 27 11.91 8.47 -33.25
N ALA C 28 10.72 8.09 -32.79
CA ALA C 28 10.25 6.72 -32.94
C ALA C 28 9.45 6.55 -34.23
N SER C 29 9.80 5.54 -35.01
CA SER C 29 9.15 5.30 -36.29
C SER C 29 7.77 4.68 -36.11
N GLY C 30 7.65 3.75 -35.16
CA GLY C 30 6.39 3.07 -34.91
C GLY C 30 5.50 3.81 -33.93
N SER C 31 4.34 3.23 -33.63
CA SER C 31 3.41 3.82 -32.69
C SER C 31 3.51 3.17 -31.32
N ILE C 32 4.15 3.87 -30.38
CA ILE C 32 4.30 3.39 -29.03
C ILE C 32 3.89 4.47 -28.03
N PHE C 33 3.16 4.08 -26.99
CA PHE C 33 2.60 5.05 -26.05
C PHE C 33 3.14 4.90 -24.64
N THR C 34 4.09 3.99 -24.47
CA THR C 34 4.60 3.66 -23.14
C THR C 34 6.01 4.20 -22.88
N ILE C 35 6.49 5.06 -23.78
CA ILE C 35 7.78 5.71 -23.57
C ILE C 35 7.60 6.94 -22.69
N TYR C 36 8.38 7.02 -21.61
CA TYR C 36 8.25 8.13 -20.67
C TYR C 36 9.51 8.99 -20.65
N ALA C 37 10.59 8.49 -21.24
CA ALA C 37 11.85 9.23 -21.24
C ALA C 37 12.77 8.80 -22.38
N MET C 38 13.56 9.74 -22.87
CA MET C 38 14.56 9.46 -23.90
C MET C 38 15.85 10.21 -23.59
N GLY C 39 16.96 9.76 -24.18
CA GLY C 39 18.24 10.37 -23.93
C GLY C 39 19.28 10.10 -25.00
N TRP C 40 20.46 10.67 -24.83
CA TRP C 40 21.56 10.49 -25.77
C TRP C 40 22.78 9.86 -25.09
N TYR C 41 23.42 8.93 -25.79
CA TYR C 41 24.63 8.30 -25.31
C TYR C 41 25.73 8.38 -26.36
N ARG C 42 26.98 8.32 -25.93
CA ARG C 42 28.11 8.38 -26.87
C ARG C 42 29.22 7.44 -26.44
N GLN C 43 30.11 7.11 -27.37
CA GLN C 43 31.23 6.23 -27.09
C GLN C 43 32.47 6.61 -27.89
N ALA C 44 33.46 7.16 -27.21
CA ALA C 44 34.71 7.55 -27.85
C ALA C 44 35.62 6.34 -28.02
N PRO C 45 36.45 6.34 -29.09
CA PRO C 45 37.39 5.24 -29.34
C PRO C 45 38.33 4.98 -28.16
N GLY C 46 38.29 3.76 -27.63
CA GLY C 46 39.12 3.40 -26.50
C GLY C 46 38.47 3.73 -25.17
N LYS C 47 37.21 4.15 -25.21
CA LYS C 47 36.47 4.49 -24.01
C LYS C 47 35.12 3.79 -23.97
N GLN C 48 34.46 3.85 -22.82
CA GLN C 48 33.17 3.18 -22.64
C GLN C 48 32.00 4.06 -23.03
N ARG C 49 30.82 3.46 -23.12
CA ARG C 49 29.60 4.20 -23.44
C ARG C 49 29.14 5.02 -22.24
N GLU C 50 28.89 6.30 -22.45
CA GLU C 50 28.53 7.19 -21.36
C GLU C 50 27.31 8.05 -21.70
N LEU C 51 26.54 8.39 -20.67
CA LEU C 51 25.37 9.25 -20.82
C LEU C 51 25.78 10.72 -20.89
N VAL C 52 25.16 11.48 -21.77
CA VAL C 52 25.49 12.88 -21.92
C VAL C 52 24.29 13.80 -21.71
N ALA C 53 23.09 13.30 -22.02
CA ALA C 53 21.88 14.08 -21.87
C ALA C 53 20.65 13.19 -21.87
N ARG C 54 19.87 13.27 -20.79
CA ARG C 54 18.64 12.50 -20.67
C ARG C 54 17.48 13.39 -20.24
N ILE C 55 16.34 13.26 -20.90
CA ILE C 55 15.16 14.03 -20.53
C ILE C 55 13.92 13.14 -20.49
N THR C 56 13.10 13.34 -19.46
CA THR C 56 11.84 12.61 -19.36
C THR C 56 10.74 13.44 -19.98
N PHE C 57 9.58 12.82 -20.21
CA PHE C 57 8.45 13.52 -20.80
C PHE C 57 7.78 14.41 -19.76
N GLY C 58 8.19 14.26 -18.51
CA GLY C 58 7.69 15.10 -17.43
C GLY C 58 8.40 16.43 -17.38
N GLY C 59 9.62 16.48 -17.91
CA GLY C 59 10.37 17.71 -17.97
C GLY C 59 11.73 17.67 -17.30
N ASP C 60 11.90 16.74 -16.37
CA ASP C 60 13.15 16.63 -15.62
C ASP C 60 14.31 16.24 -16.53
N THR C 61 15.35 17.07 -16.53
CA THR C 61 16.51 16.84 -17.39
C THR C 61 17.74 16.40 -16.59
N ASN C 62 18.65 15.70 -17.26
CA ASN C 62 19.87 15.22 -16.63
C ASN C 62 21.05 15.28 -17.60
N TYR C 63 22.09 16.01 -17.22
CA TYR C 63 23.26 16.17 -18.06
C TYR C 63 24.51 15.55 -17.44
N ALA C 64 25.51 15.30 -18.28
CA ALA C 64 26.79 14.82 -17.80
C ALA C 64 27.61 15.98 -17.24
N ASP C 65 28.64 15.67 -16.45
CA ASP C 65 29.48 16.68 -15.84
C ASP C 65 30.26 17.51 -16.87
N SER C 66 30.82 16.82 -17.86
CA SER C 66 31.67 17.48 -18.84
C SER C 66 30.87 18.32 -19.83
N VAL C 67 29.62 17.96 -20.02
CA VAL C 67 28.79 18.51 -21.09
C VAL C 67 27.94 19.70 -20.60
N LYS C 68 27.44 19.58 -19.37
CA LYS C 68 26.58 20.58 -18.74
C LYS C 68 27.01 22.02 -18.96
N GLY C 69 26.08 22.84 -19.46
CA GLY C 69 26.34 24.24 -19.71
C GLY C 69 26.58 24.54 -21.18
N ARG C 70 26.75 23.48 -21.96
CA ARG C 70 27.01 23.64 -23.39
C ARG C 70 25.92 23.02 -24.26
N PHE C 71 25.50 21.80 -23.92
CA PHE C 71 24.44 21.14 -24.67
C PHE C 71 23.09 21.37 -24.02
N THR C 72 22.04 21.42 -24.83
CA THR C 72 20.68 21.61 -24.33
C THR C 72 19.77 20.57 -24.97
N ILE C 73 19.13 19.75 -24.13
CA ILE C 73 18.26 18.70 -24.64
C ILE C 73 16.80 19.14 -24.55
N SER C 74 16.03 18.80 -25.57
CA SER C 74 14.61 19.13 -25.60
C SER C 74 13.86 17.96 -26.22
N ARG C 75 12.55 17.93 -26.00
CA ARG C 75 11.76 16.83 -26.52
C ARG C 75 10.40 17.28 -27.02
N ASP C 76 9.71 16.35 -27.67
CA ASP C 76 8.35 16.57 -28.12
C ASP C 76 7.50 15.32 -27.87
N ASN C 77 6.54 15.47 -26.97
CA ASN C 77 5.59 14.41 -26.67
C ASN C 77 4.67 14.21 -27.85
N ALA C 78 3.94 13.09 -27.83
CA ALA C 78 3.01 12.67 -28.88
C ALA C 78 3.74 12.24 -30.15
N LYS C 79 4.91 12.83 -30.41
CA LYS C 79 5.73 12.45 -31.55
C LYS C 79 6.92 11.60 -31.13
N ASN C 80 7.12 11.48 -29.81
CA ASN C 80 8.24 10.72 -29.26
C ASN C 80 9.58 11.14 -29.84
N ALA C 81 9.80 12.45 -29.91
CA ALA C 81 11.02 12.99 -30.50
C ALA C 81 11.88 13.71 -29.46
N VAL C 82 13.19 13.61 -29.63
CA VAL C 82 14.14 14.29 -28.75
C VAL C 82 15.26 14.94 -29.56
N TYR C 83 15.49 16.22 -29.30
CA TYR C 83 16.50 16.98 -30.02
C TYR C 83 17.60 17.45 -29.09
N LEU C 84 18.83 17.45 -29.57
CA LEU C 84 19.98 17.85 -28.75
C LEU C 84 20.81 18.93 -29.44
N GLN C 85 20.70 20.16 -28.93
CA GLN C 85 21.52 21.27 -29.43
C GLN C 85 22.90 21.22 -28.79
N MET C 86 23.93 21.10 -29.62
CA MET C 86 25.30 20.98 -29.12
C MET C 86 26.15 22.20 -29.44
N ASN C 87 26.09 23.19 -28.56
CA ASN C 87 26.87 24.42 -28.75
C ASN C 87 28.25 24.33 -28.10
N SER C 88 29.19 25.11 -28.65
CA SER C 88 30.56 25.15 -28.16
C SER C 88 31.19 23.75 -28.10
N LEU C 89 31.29 23.11 -29.26
CA LEU C 89 31.80 21.75 -29.34
C LEU C 89 33.32 21.69 -29.18
N LYS C 90 33.77 20.65 -28.50
CA LYS C 90 35.21 20.42 -28.28
C LYS C 90 35.65 19.15 -28.99
N PRO C 91 36.94 19.07 -29.35
CA PRO C 91 37.50 17.89 -30.02
C PRO C 91 37.33 16.60 -29.20
N GLU C 92 37.17 16.74 -27.89
CA GLU C 92 37.01 15.58 -27.01
C GLU C 92 35.60 15.01 -27.10
N ASP C 93 34.69 15.76 -27.72
CA ASP C 93 33.31 15.32 -27.88
C ASP C 93 33.13 14.44 -29.11
N THR C 94 34.25 14.13 -29.77
CA THR C 94 34.22 13.30 -30.97
C THR C 94 33.91 11.85 -30.64
N ALA C 95 32.69 11.42 -30.95
CA ALA C 95 32.26 10.05 -30.68
C ALA C 95 31.04 9.68 -31.51
N VAL C 96 30.53 8.47 -31.31
CA VAL C 96 29.32 8.02 -31.97
C VAL C 96 28.12 8.18 -31.04
N TYR C 97 27.20 9.05 -31.41
CA TYR C 97 26.06 9.37 -30.56
C TYR C 97 24.88 8.42 -30.79
N TYR C 98 24.49 7.72 -29.72
CA TYR C 98 23.36 6.79 -29.79
C TYR C 98 22.13 7.37 -29.11
N CYS C 99 20.96 7.06 -29.65
CA CYS C 99 19.70 7.50 -29.06
C CYS C 99 19.04 6.37 -28.28
N ASN C 100 18.53 6.69 -27.10
CA ASN C 100 17.93 5.69 -26.23
C ASN C 100 16.54 6.12 -25.72
N ALA C 101 15.65 5.15 -25.56
CA ALA C 101 14.31 5.41 -25.06
C ALA C 101 13.96 4.42 -23.95
N GLU C 102 13.30 4.93 -22.91
CA GLU C 102 12.91 4.09 -21.77
C GLU C 102 11.39 3.90 -21.74
N GLU C 103 10.96 2.76 -21.20
CA GLU C 103 9.55 2.39 -21.22
C GLU C 103 8.98 2.20 -19.82
N THR C 104 7.72 2.56 -19.64
CA THR C 104 7.07 2.52 -18.34
C THR C 104 6.66 1.09 -17.95
N ILE C 105 6.36 0.89 -16.67
CA ILE C 105 5.87 -0.38 -16.14
C ILE C 105 6.85 -1.54 -16.31
N VAL C 106 7.17 -1.87 -17.55
CA VAL C 106 8.11 -2.95 -17.84
C VAL C 106 9.54 -2.50 -17.49
N GLU C 107 9.74 -1.18 -17.47
CA GLU C 107 11.02 -0.56 -17.12
C GLU C 107 12.18 -1.09 -17.97
N GLU C 108 11.97 -1.12 -19.29
CA GLU C 108 13.00 -1.58 -20.22
C GLU C 108 13.59 -0.41 -20.99
N ALA C 109 14.88 -0.51 -21.32
CA ALA C 109 15.55 0.53 -22.08
C ALA C 109 16.35 -0.06 -23.23
N ASP C 110 15.79 -1.08 -23.88
CA ASP C 110 16.46 -1.74 -25.00
C ASP C 110 16.08 -1.10 -26.32
N TYR C 111 15.68 0.17 -26.28
CA TYR C 111 15.40 0.93 -27.49
C TYR C 111 16.61 1.78 -27.86
N TRP C 112 17.32 1.38 -28.91
CA TRP C 112 18.52 2.09 -29.33
C TRP C 112 18.49 2.48 -30.80
N GLY C 113 19.22 3.53 -31.14
CA GLY C 113 19.35 3.97 -32.51
C GLY C 113 20.58 3.37 -33.17
N GLN C 114 20.70 3.58 -34.48
CA GLN C 114 21.83 3.03 -35.23
C GLN C 114 23.14 3.70 -34.85
N GLY C 115 23.07 4.96 -34.43
CA GLY C 115 24.24 5.71 -34.03
C GLY C 115 24.72 6.63 -35.12
N THR C 116 24.85 7.92 -34.79
CA THR C 116 25.34 8.92 -35.74
C THR C 116 26.72 9.40 -35.34
N GLN C 117 27.55 9.70 -36.35
CA GLN C 117 28.93 10.12 -36.11
C GLN C 117 29.04 11.64 -35.99
N VAL C 118 29.75 12.10 -34.97
CA VAL C 118 30.01 13.52 -34.79
C VAL C 118 31.50 13.77 -34.60
N THR C 119 32.11 14.43 -35.58
CA THR C 119 33.54 14.72 -35.53
C THR C 119 33.80 16.22 -35.45
N VAL C 120 34.56 16.63 -34.44
CA VAL C 120 34.87 18.04 -34.25
C VAL C 120 36.37 18.30 -34.41
#